data_9H7D
#
_entry.id   9H7D
#
_cell.length_a   41.149
_cell.length_b   84.076
_cell.length_c   62.300
_cell.angle_alpha   90.00
_cell.angle_beta   90.00
_cell.angle_gamma   90.00
#
_symmetry.space_group_name_H-M   'P 21 21 2'
#
loop_
_entity.id
_entity.type
_entity.pdbx_description
1 polymer Transthyretin
2 non-polymer 'CALCIUM ION'
3 non-polymer '2-phenylazanylbenzoic acid'
4 water water
#
_entity_poly.entity_id   1
_entity_poly.type   'polypeptide(L)'
_entity_poly.pdbx_seq_one_letter_code
;GPTGTGESKCPLMVKVLDAVRGSPAINVAVHVFRKAADDTWEPFASGKTSESGELHGLTTEEEFVEGIYKVEIDTKSYWK
ALGISPFHEHAEVVFTANDSGPRRYTIAALLSPYSYSTTAVVTNPKE
;
_entity_poly.pdbx_strand_id   A,B
#
loop_
_chem_comp.id
_chem_comp.type
_chem_comp.name
_chem_comp.formula
CA non-polymer 'CALCIUM ION' 'Ca 2'
EHO non-polymer '2-phenylazanylbenzoic acid' 'C13 H11 N O2'
#
# COMPACT_ATOMS: atom_id res chain seq x y z
N PRO A 11 -1.76 -8.06 -18.90
CA PRO A 11 -2.19 -6.77 -18.48
C PRO A 11 -1.89 -6.36 -17.03
N LEU A 12 -1.66 -7.36 -16.19
CA LEU A 12 -1.36 -7.07 -14.76
C LEU A 12 -0.27 -8.04 -14.35
N MET A 13 0.89 -7.53 -13.92
CA MET A 13 2.01 -8.31 -13.44
CA MET A 13 2.00 -8.32 -13.41
C MET A 13 2.42 -7.78 -12.10
N VAL A 14 2.82 -8.67 -11.18
CA VAL A 14 3.29 -8.28 -9.86
C VAL A 14 4.65 -8.88 -9.65
N LYS A 15 5.57 -8.07 -9.12
CA LYS A 15 6.91 -8.51 -8.84
C LYS A 15 7.23 -8.14 -7.39
N VAL A 16 7.89 -9.07 -6.68
CA VAL A 16 8.13 -8.88 -5.24
C VAL A 16 9.59 -9.27 -4.95
N LEU A 17 10.27 -8.36 -4.28
CA LEU A 17 11.68 -8.51 -3.90
CA LEU A 17 11.69 -8.54 -3.85
C LEU A 17 11.80 -8.49 -2.35
N ASP A 18 12.85 -9.18 -1.86
CA ASP A 18 13.13 -9.34 -0.43
C ASP A 18 14.40 -8.55 -0.09
N ALA A 19 14.25 -7.51 0.69
CA ALA A 19 15.36 -6.61 1.05
C ALA A 19 16.16 -7.16 2.25
N VAL A 20 15.72 -8.23 2.91
CA VAL A 20 16.46 -8.84 4.00
C VAL A 20 17.43 -9.82 3.49
N ARG A 21 17.05 -10.63 2.50
CA ARG A 21 17.87 -11.69 1.96
C ARG A 21 18.54 -11.38 0.63
N GLY A 22 18.12 -10.28 -0.03
CA GLY A 22 18.72 -9.94 -1.33
C GLY A 22 18.37 -10.91 -2.39
N SER A 23 17.06 -11.17 -2.53
CA SER A 23 16.56 -12.19 -3.36
C SER A 23 15.17 -11.75 -3.86
N PRO A 24 14.69 -12.42 -4.95
CA PRO A 24 13.26 -12.37 -5.21
C PRO A 24 12.52 -12.96 -4.02
N ALA A 25 11.27 -12.51 -3.82
CA ALA A 25 10.41 -13.05 -2.83
C ALA A 25 9.58 -14.15 -3.51
N ILE A 26 9.98 -15.39 -3.28
CA ILE A 26 9.41 -16.52 -4.00
C ILE A 26 8.24 -17.13 -3.24
N ASN A 27 7.24 -17.61 -4.01
CA ASN A 27 6.08 -18.26 -3.40
C ASN A 27 5.35 -17.39 -2.46
N VAL A 28 5.24 -16.11 -2.76
CA VAL A 28 4.42 -15.16 -1.98
C VAL A 28 3.05 -15.12 -2.61
N ALA A 29 2.03 -15.23 -1.76
CA ALA A 29 0.64 -15.14 -2.19
C ALA A 29 0.24 -13.69 -2.47
N VAL A 30 -0.44 -13.54 -3.60
CA VAL A 30 -0.91 -12.23 -4.05
C VAL A 30 -2.42 -12.40 -4.41
N HIS A 31 -3.25 -11.62 -3.77
CA HIS A 31 -4.70 -11.59 -4.03
C HIS A 31 -5.05 -10.28 -4.64
N VAL A 32 -5.82 -10.29 -5.70
CA VAL A 32 -6.33 -9.04 -6.34
C VAL A 32 -7.85 -9.03 -6.14
N PHE A 33 -8.33 -7.87 -5.79
CA PHE A 33 -9.73 -7.61 -5.64
C PHE A 33 -10.14 -6.42 -6.47
N ARG A 34 -11.43 -6.30 -6.81
CA ARG A 34 -11.97 -5.19 -7.51
C ARG A 34 -13.12 -4.58 -6.70
N LYS A 35 -13.21 -3.29 -6.58
CA LYS A 35 -14.26 -2.68 -5.83
C LYS A 35 -15.60 -2.86 -6.43
N ALA A 36 -16.59 -3.45 -5.68
CA ALA A 36 -17.88 -3.66 -6.18
C ALA A 36 -18.74 -2.45 -5.98
N ALA A 37 -19.91 -2.51 -6.63
CA ALA A 37 -20.88 -1.44 -6.62
C ALA A 37 -21.27 -1.03 -5.24
N ASP A 38 -21.25 -2.01 -4.32
CA ASP A 38 -21.62 -1.76 -2.90
C ASP A 38 -20.45 -1.41 -2.00
N ASP A 39 -19.33 -1.07 -2.66
CA ASP A 39 -18.10 -0.69 -2.01
C ASP A 39 -17.41 -1.79 -1.14
N THR A 40 -17.81 -3.05 -1.39
CA THR A 40 -17.06 -4.16 -0.91
C THR A 40 -15.99 -4.57 -1.93
N TRP A 41 -15.05 -5.33 -1.45
CA TRP A 41 -13.99 -5.83 -2.35
C TRP A 41 -14.35 -7.22 -2.84
N GLU A 42 -14.52 -7.39 -4.15
CA GLU A 42 -14.83 -8.65 -4.71
C GLU A 42 -13.57 -9.32 -5.25
N PRO A 43 -13.45 -10.62 -4.96
CA PRO A 43 -12.27 -11.34 -5.50
C PRO A 43 -12.22 -11.24 -7.01
N PHE A 44 -11.01 -11.00 -7.54
CA PHE A 44 -10.75 -10.79 -8.95
C PHE A 44 -9.79 -11.85 -9.54
N ALA A 45 -8.61 -12.02 -8.91
CA ALA A 45 -7.62 -13.03 -9.45
C ALA A 45 -6.56 -13.15 -8.29
N SER A 46 -5.83 -14.27 -8.31
CA SER A 46 -4.81 -14.45 -7.31
C SER A 46 -3.79 -15.44 -7.83
N GLY A 47 -2.64 -15.47 -7.18
CA GLY A 47 -1.58 -16.37 -7.57
C GLY A 47 -0.42 -16.28 -6.62
N LYS A 48 0.65 -16.96 -6.98
CA LYS A 48 1.90 -16.91 -6.15
C LYS A 48 3.07 -16.49 -7.04
N THR A 49 4.00 -15.76 -6.44
CA THR A 49 5.20 -15.41 -7.18
C THR A 49 6.03 -16.61 -7.51
N SER A 50 6.73 -16.57 -8.63
CA SER A 50 7.62 -17.59 -9.11
C SER A 50 8.98 -17.47 -8.45
N GLU A 51 9.92 -18.36 -8.89
CA GLU A 51 11.29 -18.30 -8.49
C GLU A 51 11.97 -17.01 -8.82
N SER A 52 11.48 -16.25 -9.77
CA SER A 52 12.04 -14.91 -10.06
C SER A 52 11.33 -13.80 -9.31
N GLY A 53 10.38 -14.11 -8.45
CA GLY A 53 9.63 -13.08 -7.78
C GLY A 53 8.48 -12.50 -8.54
N GLU A 54 8.16 -13.07 -9.71
CA GLU A 54 7.19 -12.52 -10.62
C GLU A 54 5.95 -13.35 -10.66
N LEU A 55 4.83 -12.66 -10.84
CA LEU A 55 3.55 -13.29 -10.99
C LEU A 55 2.93 -12.76 -12.24
N HIS A 56 2.94 -13.65 -13.25
CA HIS A 56 2.37 -13.49 -14.56
C HIS A 56 1.08 -14.32 -14.61
N GLY A 57 0.27 -13.99 -15.55
CA GLY A 57 -0.93 -14.71 -15.78
C GLY A 57 -2.07 -14.52 -14.80
N LEU A 58 -2.07 -13.46 -14.02
CA LEU A 58 -3.25 -13.16 -13.21
C LEU A 58 -4.51 -13.01 -13.95
N THR A 59 -4.47 -12.27 -15.03
CA THR A 59 -5.70 -11.97 -15.72
C THR A 59 -5.50 -11.90 -17.22
N THR A 60 -6.60 -11.63 -17.89
CA THR A 60 -6.61 -11.47 -19.28
C THR A 60 -7.18 -10.09 -19.65
N GLU A 61 -6.92 -9.65 -20.87
CA GLU A 61 -7.49 -8.39 -21.36
C GLU A 61 -9.02 -8.39 -21.30
N GLU A 62 -9.64 -9.53 -21.50
CA GLU A 62 -11.13 -9.59 -21.49
C GLU A 62 -11.65 -9.50 -20.04
N GLU A 63 -10.91 -9.97 -19.05
CA GLU A 63 -11.43 -9.94 -17.66
C GLU A 63 -11.09 -8.61 -16.98
N PHE A 64 -10.02 -7.96 -17.46
CA PHE A 64 -9.47 -6.77 -16.78
C PHE A 64 -10.18 -5.49 -17.21
N VAL A 65 -11.28 -5.21 -16.57
CA VAL A 65 -12.13 -4.04 -16.87
C VAL A 65 -11.65 -2.84 -16.07
N GLU A 66 -12.26 -1.71 -16.34
CA GLU A 66 -11.92 -0.51 -15.54
C GLU A 66 -12.48 -0.71 -14.14
N GLY A 67 -11.85 -0.04 -13.18
CA GLY A 67 -12.33 -0.04 -11.81
C GLY A 67 -11.21 0.23 -10.85
N ILE A 68 -11.52 0.07 -9.57
CA ILE A 68 -10.58 0.23 -8.50
C ILE A 68 -10.13 -1.14 -8.06
N TYR A 69 -8.85 -1.40 -8.15
CA TYR A 69 -8.27 -2.68 -7.80
C TYR A 69 -7.41 -2.55 -6.56
N LYS A 70 -7.38 -3.61 -5.79
CA LYS A 70 -6.55 -3.79 -4.61
C LYS A 70 -5.71 -5.03 -4.82
N VAL A 71 -4.38 -4.88 -4.74
CA VAL A 71 -3.44 -5.95 -4.77
C VAL A 71 -2.93 -6.15 -3.33
N GLU A 72 -3.22 -7.29 -2.75
CA GLU A 72 -2.79 -7.62 -1.39
C GLU A 72 -1.70 -8.67 -1.50
N ILE A 73 -0.56 -8.39 -0.95
CA ILE A 73 0.59 -9.27 -0.89
C ILE A 73 0.75 -9.82 0.50
N ASP A 74 0.76 -11.15 0.63
CA ASP A 74 0.76 -11.76 1.94
C ASP A 74 2.17 -11.80 2.54
N THR A 75 2.59 -10.67 3.05
CA THR A 75 3.91 -10.50 3.68
C THR A 75 4.02 -11.27 4.98
N LYS A 76 2.93 -11.32 5.74
CA LYS A 76 3.00 -12.01 7.04
CA LYS A 76 2.97 -12.01 7.04
C LYS A 76 3.49 -13.44 6.86
N SER A 77 2.84 -14.20 5.97
CA SER A 77 3.17 -15.66 5.82
C SER A 77 4.59 -15.80 5.28
N TYR A 78 4.98 -14.89 4.40
CA TYR A 78 6.29 -14.97 3.80
C TYR A 78 7.34 -14.83 4.86
N TRP A 79 7.25 -13.77 5.70
CA TRP A 79 8.19 -13.54 6.81
C TRP A 79 8.16 -14.68 7.81
N LYS A 80 6.94 -15.06 8.25
CA LYS A 80 6.88 -16.08 9.26
C LYS A 80 7.58 -17.32 8.80
N ALA A 81 7.42 -17.74 7.54
CA ALA A 81 7.96 -19.01 7.03
C ALA A 81 9.47 -18.95 6.96
N LEU A 82 10.05 -17.76 6.95
CA LEU A 82 11.47 -17.56 6.87
C LEU A 82 12.03 -17.29 8.24
N GLY A 83 11.19 -17.41 9.26
CA GLY A 83 11.59 -17.13 10.64
C GLY A 83 11.85 -15.72 11.06
N ILE A 84 11.21 -14.77 10.36
CA ILE A 84 11.37 -13.35 10.53
C ILE A 84 10.09 -12.79 11.13
N SER A 85 10.17 -11.79 11.98
CA SER A 85 8.96 -11.14 12.57
C SER A 85 8.41 -10.12 11.59
N PRO A 86 7.21 -10.33 11.05
CA PRO A 86 6.63 -9.31 10.20
C PRO A 86 5.88 -8.30 11.09
N PHE A 87 6.04 -7.02 10.81
CA PHE A 87 5.23 -6.03 11.53
C PHE A 87 4.06 -5.99 10.60
N HIS A 88 4.47 -6.17 9.38
CA HIS A 88 3.61 -6.00 8.25
C HIS A 88 2.68 -7.19 8.00
N GLU A 89 1.40 -6.96 8.15
CA GLU A 89 0.40 -8.04 7.98
C GLU A 89 0.27 -8.38 6.51
N HIS A 90 0.10 -7.38 5.66
CA HIS A 90 0.00 -7.54 4.25
C HIS A 90 0.09 -6.25 3.66
N ALA A 91 0.63 -6.14 2.44
CA ALA A 91 0.44 -4.92 1.67
C ALA A 91 -0.96 -4.79 1.07
N GLU A 92 -1.50 -3.58 1.00
CA GLU A 92 -2.78 -3.29 0.25
C GLU A 92 -2.50 -2.18 -0.77
N VAL A 93 -2.15 -2.57 -2.06
CA VAL A 93 -1.83 -1.58 -3.12
C VAL A 93 -3.11 -1.25 -3.95
N VAL A 94 -3.64 -0.03 -3.89
CA VAL A 94 -5.00 0.25 -4.39
C VAL A 94 -4.89 1.34 -5.45
N PHE A 95 -5.52 1.09 -6.61
CA PHE A 95 -5.36 2.01 -7.77
C PHE A 95 -6.55 1.83 -8.72
N THR A 96 -6.82 2.91 -9.45
CA THR A 96 -7.82 2.90 -10.55
C THR A 96 -7.14 2.43 -11.80
N ALA A 97 -7.69 1.44 -12.49
CA ALA A 97 -7.14 0.89 -13.74
C ALA A 97 -8.05 1.16 -14.90
N ASN A 98 -7.42 1.38 -16.05
CA ASN A 98 -8.07 1.36 -17.31
C ASN A 98 -9.10 2.48 -17.53
N ASP A 99 -9.06 3.53 -16.75
CA ASP A 99 -10.15 4.51 -16.77
C ASP A 99 -10.27 5.26 -18.09
N SER A 100 -9.14 5.51 -18.72
CA SER A 100 -9.05 6.21 -20.01
CA SER A 100 -9.10 6.23 -19.98
C SER A 100 -8.74 5.30 -21.15
N GLY A 101 -8.89 4.03 -20.93
CA GLY A 101 -8.73 2.94 -21.84
C GLY A 101 -7.74 1.90 -21.27
N PRO A 102 -7.63 0.75 -21.98
CA PRO A 102 -6.80 -0.39 -21.49
C PRO A 102 -5.32 -0.01 -21.37
N ARG A 103 -4.73 -0.36 -20.24
CA ARG A 103 -3.27 -0.21 -20.02
C ARG A 103 -2.73 -1.51 -19.50
N ARG A 104 -1.40 -1.69 -19.54
CA ARG A 104 -0.70 -2.74 -18.86
C ARG A 104 0.02 -2.21 -17.64
N TYR A 105 -0.13 -2.93 -16.53
CA TYR A 105 0.39 -2.51 -15.24
C TYR A 105 1.35 -3.55 -14.70
N THR A 106 2.50 -3.06 -14.21
CA THR A 106 3.39 -3.83 -13.38
C THR A 106 3.40 -3.19 -12.01
N ILE A 107 3.08 -3.96 -10.95
CA ILE A 107 3.13 -3.50 -9.58
C ILE A 107 4.32 -4.21 -8.94
N ALA A 108 5.31 -3.43 -8.51
CA ALA A 108 6.45 -3.97 -7.85
C ALA A 108 6.50 -3.60 -6.40
N ALA A 109 6.96 -4.50 -5.58
CA ALA A 109 7.00 -4.27 -4.13
C ALA A 109 8.35 -4.79 -3.58
N LEU A 110 8.97 -3.98 -2.76
CA LEU A 110 10.22 -4.29 -2.09
C LEU A 110 9.91 -4.46 -0.62
N LEU A 111 10.18 -5.63 -0.07
CA LEU A 111 9.71 -5.95 1.28
C LEU A 111 10.80 -5.98 2.32
N SER A 112 10.54 -5.34 3.43
CA SER A 112 11.29 -5.47 4.66
C SER A 112 10.29 -5.67 5.81
N PRO A 113 10.78 -6.14 6.97
CA PRO A 113 9.82 -6.48 8.05
C PRO A 113 8.97 -5.31 8.59
N TYR A 114 9.53 -4.11 8.64
CA TYR A 114 8.89 -2.95 9.10
C TYR A 114 8.64 -1.91 8.03
N SER A 115 8.82 -2.24 6.73
CA SER A 115 8.64 -1.28 5.68
C SER A 115 8.41 -1.98 4.39
N TYR A 116 7.70 -1.27 3.52
CA TYR A 116 7.67 -1.73 2.11
C TYR A 116 7.60 -0.51 1.20
N SER A 117 8.13 -0.70 0.01
CA SER A 117 8.08 0.26 -1.05
C SER A 117 7.40 -0.37 -2.23
N THR A 118 6.58 0.41 -2.94
CA THR A 118 5.91 -0.09 -4.07
C THR A 118 5.89 0.95 -5.19
N THR A 119 5.97 0.52 -6.42
CA THR A 119 5.86 1.42 -7.58
C THR A 119 5.05 0.75 -8.64
N ALA A 120 4.61 1.54 -9.61
CA ALA A 120 3.86 1.05 -10.74
C ALA A 120 4.53 1.47 -12.03
N VAL A 121 4.54 0.57 -12.99
CA VAL A 121 4.93 0.82 -14.36
C VAL A 121 3.71 0.66 -15.22
N VAL A 122 3.29 1.69 -15.94
CA VAL A 122 2.08 1.69 -16.70
C VAL A 122 2.48 1.91 -18.16
N THR A 123 2.01 1.01 -19.04
CA THR A 123 2.30 1.07 -20.43
C THR A 123 1.05 1.00 -21.24
N ASN A 124 1.06 1.64 -22.41
CA ASN A 124 -0.14 1.72 -23.27
C ASN A 124 0.09 0.81 -24.47
N PRO A 125 -0.59 -0.37 -24.54
CA PRO A 125 -0.14 -1.50 -25.43
C PRO A 125 -0.60 -1.49 -26.89
N PRO B 11 0.99 7.73 21.48
CA PRO B 11 1.34 6.36 21.07
C PRO B 11 1.39 6.04 19.58
N LEU B 12 0.71 6.86 18.80
CA LEU B 12 0.73 6.75 17.38
C LEU B 12 0.86 8.07 16.71
N MET B 13 1.83 8.23 15.83
CA MET B 13 2.04 9.42 15.08
C MET B 13 2.25 9.02 13.63
N VAL B 14 1.77 9.82 12.69
CA VAL B 14 1.92 9.61 11.24
C VAL B 14 2.63 10.83 10.67
N LYS B 15 3.60 10.60 9.85
CA LYS B 15 4.31 11.64 9.11
C LYS B 15 4.32 11.30 7.64
N VAL B 16 4.12 12.35 6.82
CA VAL B 16 4.01 12.17 5.35
C VAL B 16 4.94 13.17 4.66
N LEU B 17 5.77 12.65 3.77
CA LEU B 17 6.74 13.44 3.03
C LEU B 17 6.48 13.31 1.53
N ASP B 18 6.83 14.36 0.81
CA ASP B 18 6.67 14.44 -0.66
C ASP B 18 8.04 14.39 -1.35
N ALA B 19 8.26 13.33 -2.10
CA ALA B 19 9.53 13.04 -2.74
C ALA B 19 9.73 13.76 -4.08
N VAL B 20 8.71 14.43 -4.54
CA VAL B 20 8.78 15.21 -5.79
C VAL B 20 9.20 16.64 -5.51
N ARG B 21 8.64 17.25 -4.50
CA ARG B 21 8.96 18.61 -4.19
C ARG B 21 9.91 18.75 -3.04
N GLY B 22 10.19 17.64 -2.32
CA GLY B 22 11.17 17.63 -1.26
C GLY B 22 10.66 18.37 -0.05
N SER B 23 9.44 18.10 0.39
CA SER B 23 8.80 18.85 1.38
C SER B 23 7.92 17.95 2.23
N PRO B 24 7.48 18.44 3.40
CA PRO B 24 6.43 17.74 4.10
C PRO B 24 5.15 17.78 3.28
N ALA B 25 4.33 16.72 3.39
CA ALA B 25 3.02 16.71 2.73
C ALA B 25 1.99 17.25 3.71
N ILE B 26 1.49 18.43 3.46
CA ILE B 26 0.69 19.18 4.38
C ILE B 26 -0.79 19.01 4.06
N ASN B 27 -1.61 18.97 5.08
CA ASN B 27 -3.05 18.89 4.94
C ASN B 27 -3.55 17.61 4.30
N VAL B 28 -2.86 16.51 4.50
CA VAL B 28 -3.23 15.20 3.97
C VAL B 28 -4.10 14.48 4.97
N ALA B 29 -5.21 13.94 4.51
CA ALA B 29 -6.08 13.16 5.39
C ALA B 29 -5.49 11.79 5.62
N VAL B 30 -5.57 11.38 6.90
CA VAL B 30 -5.03 10.12 7.38
C VAL B 30 -6.15 9.47 8.20
N HIS B 31 -6.48 8.23 7.84
CA HIS B 31 -7.47 7.47 8.60
C HIS B 31 -6.84 6.19 9.11
N VAL B 32 -7.18 5.82 10.34
CA VAL B 32 -6.68 4.64 11.00
C VAL B 32 -7.90 3.77 11.25
N PHE B 33 -7.77 2.47 10.98
CA PHE B 33 -8.83 1.50 11.24
C PHE B 33 -8.27 0.37 12.07
N ARG B 34 -9.15 -0.29 12.83
CA ARG B 34 -8.77 -1.47 13.64
C ARG B 34 -9.65 -2.63 13.21
N LYS B 35 -9.05 -3.78 12.95
CA LYS B 35 -9.78 -4.96 12.48
C LYS B 35 -10.70 -5.43 13.55
N ALA B 36 -11.96 -5.61 13.18
CA ALA B 36 -12.98 -6.06 14.11
C ALA B 36 -12.80 -7.56 14.36
N TRP B 41 -13.20 -3.30 9.49
CA TRP B 41 -12.47 -2.09 9.82
C TRP B 41 -13.29 -1.08 10.61
N GLU B 42 -13.24 -1.17 11.92
CA GLU B 42 -13.80 -0.15 12.77
C GLU B 42 -12.90 1.10 12.46
N PRO B 43 -13.50 2.25 12.05
CA PRO B 43 -12.74 3.45 12.20
C PRO B 43 -12.23 3.59 13.61
N PHE B 44 -11.00 4.03 13.73
CA PHE B 44 -10.30 4.02 14.97
C PHE B 44 -9.79 5.45 15.30
N ALA B 45 -9.28 6.16 14.29
CA ALA B 45 -8.71 7.53 14.49
C ALA B 45 -8.54 8.16 13.18
N SER B 46 -8.44 9.48 13.14
CA SER B 46 -8.14 10.14 11.88
C SER B 46 -7.76 11.59 12.12
N GLY B 47 -7.23 12.24 11.06
CA GLY B 47 -6.86 13.68 11.19
C GLY B 47 -6.20 14.12 9.88
N LYS B 48 -5.65 15.31 9.91
CA LYS B 48 -4.94 15.82 8.70
C LYS B 48 -3.54 16.24 9.14
N THR B 49 -2.57 15.99 8.27
CA THR B 49 -1.23 16.40 8.57
C THR B 49 -1.08 17.91 8.72
N SER B 50 -0.23 18.33 9.63
CA SER B 50 0.12 19.68 9.91
C SER B 50 1.09 20.25 8.86
N GLU B 51 1.53 21.51 9.08
CA GLU B 51 2.46 22.17 8.19
C GLU B 51 3.86 21.44 8.22
N SER B 52 4.11 20.63 9.24
CA SER B 52 5.32 19.82 9.32
C SER B 52 5.16 18.44 8.67
N GLY B 53 4.01 18.15 8.12
CA GLY B 53 3.70 16.82 7.60
C GLY B 53 3.40 15.81 8.65
N GLU B 54 3.18 16.25 9.90
CA GLU B 54 2.99 15.30 10.99
C GLU B 54 1.57 15.38 11.50
N LEU B 55 1.11 14.25 12.01
CA LEU B 55 -0.16 14.17 12.63
C LEU B 55 -0.02 13.47 13.97
N HIS B 56 -0.24 14.28 15.01
CA HIS B 56 -0.13 13.95 16.41
C HIS B 56 -1.54 13.87 16.96
N GLY B 57 -1.68 13.23 18.12
CA GLY B 57 -2.97 13.28 18.80
C GLY B 57 -4.02 12.35 18.29
N LEU B 58 -3.63 11.37 17.47
CA LEU B 58 -4.55 10.39 16.91
C LEU B 58 -5.34 9.66 17.96
N THR B 59 -4.63 9.10 18.94
CA THR B 59 -5.25 8.21 19.92
C THR B 59 -4.64 8.39 21.28
N THR B 60 -5.02 7.52 22.18
CA THR B 60 -4.60 7.53 23.54
C THR B 60 -4.10 6.17 23.91
N GLU B 61 -3.26 6.08 24.94
CA GLU B 61 -2.80 4.77 25.43
C GLU B 61 -3.93 3.83 25.72
N GLU B 62 -4.98 4.39 26.32
CA GLU B 62 -6.11 3.57 26.76
C GLU B 62 -6.82 2.96 25.59
N GLU B 63 -6.89 3.70 24.47
CA GLU B 63 -7.66 3.20 23.32
C GLU B 63 -6.83 2.29 22.38
N PHE B 64 -5.52 2.49 22.37
CA PHE B 64 -4.68 1.80 21.40
C PHE B 64 -4.22 0.40 21.92
N VAL B 65 -5.09 -0.56 21.80
CA VAL B 65 -4.84 -1.89 22.27
C VAL B 65 -4.17 -2.71 21.17
N GLU B 66 -3.60 -3.84 21.55
CA GLU B 66 -3.05 -4.71 20.56
C GLU B 66 -4.10 -5.10 19.59
N GLY B 67 -3.72 -5.30 18.32
CA GLY B 67 -4.67 -5.64 17.28
C GLY B 67 -4.03 -5.39 15.91
N ILE B 68 -4.85 -5.57 14.88
CA ILE B 68 -4.47 -5.29 13.54
C ILE B 68 -5.02 -3.93 13.12
N TYR B 69 -4.13 -3.06 12.67
CA TYR B 69 -4.50 -1.69 12.30
C TYR B 69 -4.14 -1.42 10.88
N LYS B 70 -4.90 -0.57 10.23
CA LYS B 70 -4.52 0.00 8.90
C LYS B 70 -4.49 1.50 9.00
N VAL B 71 -3.39 2.04 8.49
CA VAL B 71 -3.26 3.48 8.31
C VAL B 71 -3.36 3.74 6.81
N GLU B 72 -4.37 4.55 6.46
CA GLU B 72 -4.66 4.87 5.06
C GLU B 72 -4.57 6.36 4.87
N ILE B 73 -3.67 6.75 4.01
CA ILE B 73 -3.32 8.13 3.74
C ILE B 73 -3.89 8.52 2.40
N ASP B 74 -4.68 9.57 2.37
CA ASP B 74 -5.39 9.94 1.12
C ASP B 74 -4.44 10.68 0.20
N THR B 75 -3.56 9.97 -0.43
CA THR B 75 -2.58 10.51 -1.29
C THR B 75 -3.20 11.04 -2.61
N LYS B 76 -4.29 10.39 -3.06
CA LYS B 76 -4.89 10.86 -4.28
C LYS B 76 -5.33 12.31 -4.16
N SER B 77 -6.01 12.68 -3.07
CA SER B 77 -6.45 14.06 -2.92
C SER B 77 -5.29 15.04 -2.80
N TYR B 78 -4.22 14.55 -2.21
CA TYR B 78 -3.01 15.36 -2.06
C TYR B 78 -2.44 15.74 -3.47
N TRP B 79 -2.17 14.71 -4.29
CA TRP B 79 -1.59 15.01 -5.57
C TRP B 79 -2.56 15.78 -6.46
N LYS B 80 -3.83 15.48 -6.38
CA LYS B 80 -4.76 16.20 -7.20
C LYS B 80 -4.80 17.67 -6.87
N ALA B 81 -4.66 18.07 -5.60
CA ALA B 81 -4.63 19.46 -5.28
C ALA B 81 -3.40 20.19 -5.78
N LEU B 82 -2.33 19.46 -6.04
CA LEU B 82 -1.10 20.01 -6.58
C LEU B 82 -1.12 20.06 -8.10
N GLY B 83 -2.09 19.44 -8.72
CA GLY B 83 -2.15 19.40 -10.13
C GLY B 83 -1.41 18.30 -10.77
N ILE B 84 -1.13 17.24 -10.02
CA ILE B 84 -0.35 16.11 -10.51
C ILE B 84 -1.26 14.87 -10.50
N SER B 85 -1.22 14.11 -11.61
CA SER B 85 -2.03 12.91 -11.70
CA SER B 85 -2.04 12.88 -11.72
C SER B 85 -1.36 11.75 -10.98
N PRO B 86 -2.05 11.19 -9.98
CA PRO B 86 -1.48 10.11 -9.20
C PRO B 86 -1.94 8.73 -9.61
N PHE B 87 -1.15 7.79 -9.28
CA PHE B 87 -1.48 6.39 -9.58
C PHE B 87 -2.41 5.77 -8.53
N HIS B 88 -2.04 5.86 -7.26
CA HIS B 88 -2.72 5.15 -6.20
C HIS B 88 -3.92 5.89 -5.68
N GLU B 89 -4.85 5.15 -5.06
CA GLU B 89 -5.96 5.81 -4.32
C GLU B 89 -5.43 6.30 -2.97
N HIS B 90 -4.48 5.58 -2.39
CA HIS B 90 -3.91 5.84 -1.05
CA HIS B 90 -3.90 5.81 -1.05
C HIS B 90 -2.42 5.31 -0.89
N ALA B 91 -1.70 5.78 0.15
CA ALA B 91 -0.50 5.09 0.69
C ALA B 91 -0.93 4.48 2.02
N GLU B 92 -0.31 3.33 2.34
CA GLU B 92 -0.78 2.64 3.56
C GLU B 92 0.20 1.69 4.23
N VAL B 93 -0.12 1.38 5.49
CA VAL B 93 0.57 0.26 6.17
C VAL B 93 -0.49 -0.47 7.03
N VAL B 94 -0.69 -1.77 6.80
CA VAL B 94 -1.46 -2.70 7.69
C VAL B 94 -0.56 -3.51 8.54
N PHE B 95 -0.72 -3.38 9.83
CA PHE B 95 0.21 -3.93 10.76
C PHE B 95 -0.42 -4.51 12.00
N THR B 96 0.31 -5.44 12.60
CA THR B 96 -0.05 -5.97 13.89
C THR B 96 0.69 -5.16 14.97
N ALA B 97 -0.03 -4.56 15.90
CA ALA B 97 0.53 -3.87 17.06
C ALA B 97 0.72 -4.94 18.12
N ARG B 104 5.86 3.42 21.41
CA ARG B 104 5.33 4.53 20.65
C ARG B 104 5.59 4.12 19.22
N TYR B 105 4.59 4.22 18.35
CA TYR B 105 4.68 3.94 16.89
C TYR B 105 4.69 5.26 16.12
N THR B 106 5.62 5.35 15.22
CA THR B 106 5.66 6.38 14.20
C THR B 106 5.54 5.68 12.86
N ILE B 107 4.53 6.09 12.08
CA ILE B 107 4.34 5.58 10.75
C ILE B 107 4.69 6.68 9.77
N ALA B 108 5.66 6.45 8.91
CA ALA B 108 6.05 7.45 7.95
C ALA B 108 5.85 6.97 6.53
N ALA B 109 5.36 7.87 5.70
CA ALA B 109 5.06 7.59 4.32
C ALA B 109 5.76 8.59 3.43
N LEU B 110 6.43 8.09 2.41
CA LEU B 110 7.17 8.90 1.45
C LEU B 110 6.50 8.74 0.11
N LEU B 111 6.00 9.85 -0.43
CA LEU B 111 5.08 9.85 -1.58
C LEU B 111 5.70 10.34 -2.88
N SER B 112 5.44 9.59 -3.94
CA SER B 112 5.67 10.00 -5.30
C SER B 112 4.40 9.65 -6.10
N PRO B 113 4.29 10.25 -7.29
CA PRO B 113 3.03 10.07 -8.03
C PRO B 113 2.69 8.62 -8.35
N TYR B 114 3.70 7.80 -8.66
CA TYR B 114 3.54 6.40 -9.01
C TYR B 114 4.14 5.44 -8.01
N SER B 115 4.48 5.92 -6.81
CA SER B 115 5.17 5.05 -5.81
CA SER B 115 5.17 5.03 -5.79
C SER B 115 4.93 5.58 -4.40
N TYR B 116 5.01 4.68 -3.41
CA TYR B 116 5.14 5.14 -2.04
C TYR B 116 5.97 4.09 -1.31
N SER B 117 6.56 4.60 -0.24
CA SER B 117 7.06 3.66 0.75
CA SER B 117 7.27 3.77 0.76
C SER B 117 6.61 4.11 2.13
N THR B 118 6.36 3.06 2.91
CA THR B 118 5.85 3.28 4.30
CA THR B 118 5.81 3.26 4.29
C THR B 118 6.65 2.40 5.28
N THR B 119 6.96 3.02 6.42
CA THR B 119 7.82 2.36 7.45
C THR B 119 7.18 2.64 8.75
N ALA B 120 7.46 1.76 9.66
CA ALA B 120 7.16 1.97 11.06
C ALA B 120 8.40 1.93 11.90
N VAL B 121 8.42 2.82 12.89
CA VAL B 121 9.49 2.87 13.83
C VAL B 121 8.77 2.79 15.21
N VAL B 122 9.20 1.87 16.06
CA VAL B 122 8.55 1.64 17.31
C VAL B 122 9.58 1.83 18.31
N THR B 123 9.45 2.88 19.13
CA THR B 123 10.44 3.23 20.18
C THR B 123 9.84 3.20 21.59
CA CA C . -13.62 5.57 -17.74
C4 EHO D . 14.12 -5.83 -9.95
C5 EHO D . 13.11 -4.87 -9.73
C6 EHO D . 12.99 -4.06 -8.50
C11 EHO D . 10.73 -1.08 -5.57
C7 EHO D . 12.02 -2.12 -7.38
C8 EHO D . 13.19 -1.46 -6.91
C9 EHO D . 13.19 -0.64 -5.80
C10 EHO D . 11.92 -0.43 -5.16
C12 EHO D . 10.81 -1.86 -6.71
C13 EHO D . 12.17 -4.77 -10.80
N1 EHO D . 12.07 -2.98 -8.46
C3 EHO D . 15.13 -6.09 -9.03
C1 EHO D . 14.06 -4.35 -7.62
C2 EHO D . 15.08 -5.33 -7.85
O1 EHO D . 12.23 -5.56 -11.83
O2 EHO D . 11.17 -3.92 -10.78
CA CA E . -0.70 -10.20 22.86
C4 EHO F . 10.28 8.78 10.62
C5 EHO F . 10.91 9.19 9.42
C6 EHO F . 11.18 8.22 8.33
C11 EHO F . 12.54 7.19 3.92
C7 EHO F . 11.43 8.07 5.88
C8 EHO F . 10.42 7.11 5.71
C9 EHO F . 10.39 6.32 4.57
C10 EHO F . 11.50 6.39 3.68
C12 EHO F . 12.54 7.99 5.04
C13 EHO F . 11.25 10.68 9.23
N1 EHO F . 11.65 8.65 7.12
C3 EHO F . 9.94 7.48 10.79
C1 EHO F . 10.79 6.93 8.57
C2 EHO F . 10.16 6.55 9.75
O1 EHO F . 11.20 11.49 10.27
O2 EHO F . 11.56 11.13 8.16
#